data_1ATO
#
_entry.id   1ATO
#
_cell.length_a   1.000
_cell.length_b   1.000
_cell.length_c   1.000
_cell.angle_alpha   90.00
_cell.angle_beta   90.00
_cell.angle_gamma   90.00
#
_symmetry.space_group_name_H-M   'P 1'
#
_entity_poly.entity_id   1
_entity_poly.type   'polyribonucleotide'
_entity_poly.pdbx_seq_one_letter_code
;GGCACCUCCUCGCGGUGCC
;
_entity_poly.pdbx_strand_id   A
#
loop_
_chem_comp.id
_chem_comp.type
_chem_comp.name
_chem_comp.formula
A RNA linking ADENOSINE-5'-MONOPHOSPHATE 'C10 H14 N5 O7 P'
C RNA linking CYTIDINE-5'-MONOPHOSPHATE 'C9 H14 N3 O8 P'
G RNA linking GUANOSINE-5'-MONOPHOSPHATE 'C10 H14 N5 O8 P'
U RNA linking URIDINE-5'-MONOPHOSPHATE 'C9 H13 N2 O9 P'
#